data_3DRH
#
_entry.id   3DRH
#
_cell.length_a   39.707
_cell.length_b   123.007
_cell.length_c   59.308
_cell.angle_alpha   90.00
_cell.angle_beta   102.10
_cell.angle_gamma   90.00
#
_symmetry.space_group_name_H-M   'P 1 21 1'
#
loop_
_entity.id
_entity.type
_entity.pdbx_description
1 polymer 'Oligopeptide-binding protein oppA'
2 polymer 'peptide AAAAAA'
3 water water
#
loop_
_entity_poly.entity_id
_entity_poly.type
_entity_poly.pdbx_seq_one_letter_code
_entity_poly.pdbx_strand_id
1 'polypeptide(L)'
;MGSNQSSSTSTKKLKAGNFDVAYQNPDKAIKGGNLKVAYQSDSPMKAQWLSGLSNDATFATMSGPGGGQDGLFFTDSGFK
FIKGGAADVALDKESKTATITLRKDLKWSDGSEVTAKDYEFTYETIANPAYGSDRWTDSLANIVGLSDYHTGKAKTISGI
TFPDGENGKVIKVQFKEMKPGMTQSGNGYFLETVAPYQYLKDVAPKDLASSPKTTTKPLVTGPFKPENVVAGESIKYVPN
PYYWGEKPKLNSITYEVVSTAKSVAALSSSKYDIINGMVSSQYKQVKNLKGYKVLGQQAMYISLMYYNLGHYDAKNSINV
QDRKTPLQDQNVRQAIGYARNVAEVDNKFSNGLSTPANSLIPPIFKQFTSSSVKGYEKQDLDKANKLLDEDGWKLNKSTG
YREKDGKELSLVYAARVGDANAETIAQNYIQQWKKIGVKVSLYNGKLMEFNSWVDHMTTPPGANDWDITDGSWSLASEPS
QQDLFSAAAPYNFGHFNDSEITKDLNDIDSAKSENPTYRKAAFVKYQEDMNKKAYVIPTNFMLNYTPVNKRVVGMTLDYG
AMNTWSEIGVSSAKLATKGSIEGRHHHHHH
;
A
2 'polypeptide(L)' AAAAAA B
#
# COMPACT_ATOMS: atom_id res chain seq x y z
N LEU A 14 20.10 -9.92 1.32
CA LEU A 14 18.76 -9.44 1.75
C LEU A 14 17.84 -10.64 1.85
N LYS A 15 17.14 -10.76 2.96
CA LYS A 15 16.13 -11.80 3.14
C LYS A 15 14.80 -11.16 3.50
N ALA A 16 13.75 -11.91 3.26
CA ALA A 16 12.39 -11.59 3.66
C ALA A 16 11.82 -12.89 4.18
N GLY A 17 11.73 -13.01 5.51
CA GLY A 17 11.44 -14.30 6.10
C GLY A 17 12.53 -15.28 5.68
N ASN A 18 12.11 -16.47 5.26
CA ASN A 18 13.04 -17.47 4.73
C ASN A 18 13.42 -17.21 3.26
N PHE A 19 12.74 -16.27 2.62
CA PHE A 19 12.99 -15.99 1.21
C PHE A 19 14.21 -15.11 0.97
N ASP A 20 14.87 -15.35 -0.15
CA ASP A 20 15.82 -14.43 -0.68
C ASP A 20 15.06 -13.34 -1.42
N VAL A 21 15.53 -12.11 -1.31
CA VAL A 21 14.99 -10.98 -2.03
C VAL A 21 15.50 -10.93 -3.49
N ALA A 22 16.74 -11.39 -3.71
CA ALA A 22 17.37 -11.38 -5.02
C ALA A 22 17.72 -12.79 -5.50
N TYR A 23 17.66 -12.99 -6.82
CA TYR A 23 18.14 -14.23 -7.40
C TYR A 23 19.54 -13.96 -7.93
N GLN A 24 20.54 -14.47 -7.21
CA GLN A 24 21.94 -14.31 -7.59
C GLN A 24 22.28 -15.40 -8.58
N ASN A 25 22.11 -15.10 -9.86
CA ASN A 25 22.39 -16.07 -10.93
C ASN A 25 23.92 -16.25 -11.07
N PRO A 26 24.39 -17.50 -11.03
CA PRO A 26 25.84 -17.69 -11.13
C PRO A 26 26.38 -17.48 -12.56
N ASP A 27 25.49 -17.43 -13.54
CA ASP A 27 25.86 -17.29 -14.94
C ASP A 27 25.75 -15.85 -15.43
N LYS A 28 26.63 -15.49 -16.36
CA LYS A 28 26.67 -14.12 -16.87
C LYS A 28 25.53 -13.93 -17.86
N ALA A 29 25.01 -12.71 -17.92
CA ALA A 29 23.97 -12.40 -18.91
C ALA A 29 24.57 -12.38 -20.31
N ILE A 30 23.78 -12.79 -21.28
CA ILE A 30 24.17 -12.60 -22.67
C ILE A 30 23.88 -11.14 -23.05
N LYS A 31 24.36 -10.73 -24.23
CA LYS A 31 23.93 -9.47 -24.84
C LYS A 31 22.61 -9.75 -25.54
N GLY A 32 21.61 -8.93 -25.29
CA GLY A 32 20.31 -9.08 -25.91
C GLY A 32 19.42 -10.06 -25.19
N GLY A 33 18.46 -10.62 -25.91
CA GLY A 33 17.48 -11.54 -25.34
C GLY A 33 16.12 -10.89 -25.16
N ASN A 34 15.13 -11.73 -24.97
CA ASN A 34 13.74 -11.34 -24.75
C ASN A 34 13.28 -11.92 -23.40
N LEU A 35 12.74 -11.08 -22.53
CA LEU A 35 12.21 -11.51 -21.24
C LEU A 35 10.70 -11.60 -21.35
N LYS A 36 10.16 -12.70 -20.85
CA LYS A 36 8.72 -12.96 -20.89
C LYS A 36 8.15 -12.84 -19.49
N VAL A 37 7.38 -11.79 -19.26
CA VAL A 37 6.82 -11.48 -17.95
C VAL A 37 5.29 -11.59 -18.03
N ALA A 38 4.66 -12.07 -16.96
CA ALA A 38 3.20 -12.02 -16.86
C ALA A 38 2.77 -11.40 -15.55
N TYR A 39 1.55 -10.85 -15.56
CA TYR A 39 0.88 -10.45 -14.36
C TYR A 39 -0.35 -11.34 -14.16
N GLN A 40 -0.50 -11.91 -12.98
CA GLN A 40 -1.70 -12.71 -12.68
C GLN A 40 -2.94 -11.86 -12.42
N SER A 41 -3.93 -11.98 -13.32
CA SER A 41 -5.20 -11.25 -13.24
C SER A 41 -6.30 -12.06 -13.92
N ASP A 42 -7.47 -12.15 -13.29
CA ASP A 42 -8.63 -12.78 -13.95
C ASP A 42 -9.52 -11.76 -14.65
N SER A 43 -9.07 -10.51 -14.63
CA SER A 43 -9.67 -9.42 -15.37
C SER A 43 -8.70 -8.80 -16.37
N PRO A 44 -9.21 -8.31 -17.51
CA PRO A 44 -8.31 -7.71 -18.49
C PRO A 44 -7.60 -6.48 -17.93
N MET A 45 -6.40 -6.23 -18.45
CA MET A 45 -5.65 -5.01 -18.15
C MET A 45 -6.38 -3.86 -18.83
N LYS A 46 -6.23 -2.65 -18.28
CA LYS A 46 -6.75 -1.46 -18.94
C LYS A 46 -5.61 -0.52 -19.17
N ALA A 47 -5.18 -0.42 -20.41
CA ALA A 47 -4.03 0.40 -20.77
C ALA A 47 -4.34 1.88 -20.63
N GLN A 48 -3.61 2.54 -19.76
CA GLN A 48 -3.70 3.98 -19.58
C GLN A 48 -2.36 4.47 -19.05
N TRP A 49 -1.62 5.14 -19.93
CA TRP A 49 -0.23 5.51 -19.62
C TRP A 49 -0.12 6.74 -18.75
N LEU A 50 -1.20 7.50 -18.60
CA LEU A 50 -1.16 8.67 -17.75
C LEU A 50 -1.56 8.27 -16.34
N SER A 51 -0.67 8.48 -15.38
CA SER A 51 -0.91 8.07 -13.99
C SER A 51 -2.24 8.57 -13.46
N GLY A 52 -2.53 9.85 -13.72
CA GLY A 52 -3.70 10.53 -13.16
C GLY A 52 -5.01 9.97 -13.67
N LEU A 53 -4.97 9.35 -14.85
CA LEU A 53 -6.18 8.79 -15.49
C LEU A 53 -6.31 7.27 -15.38
N SER A 54 -5.29 6.61 -14.86
CA SER A 54 -5.25 5.16 -14.70
C SER A 54 -5.83 4.71 -13.36
N ASN A 55 -6.77 3.78 -13.41
CA ASN A 55 -7.41 3.25 -12.22
C ASN A 55 -7.22 1.72 -12.08
N ASP A 56 -6.43 1.11 -12.97
CA ASP A 56 -6.23 -0.35 -12.98
C ASP A 56 -4.85 -0.71 -12.43
N ALA A 57 -4.84 -1.38 -11.28
CA ALA A 57 -3.58 -1.81 -10.68
C ALA A 57 -2.82 -2.81 -11.55
N THR A 58 -3.52 -3.63 -12.32
CA THR A 58 -2.83 -4.61 -13.19
C THR A 58 -1.94 -3.83 -14.16
N PHE A 59 -2.53 -2.89 -14.89
CA PHE A 59 -1.75 -2.14 -15.87
C PHE A 59 -0.68 -1.23 -15.23
N ALA A 60 -0.95 -0.63 -14.05
CA ALA A 60 0.06 0.16 -13.38
C ALA A 60 1.34 -0.64 -13.20
N THR A 61 1.22 -1.92 -12.83
CA THR A 61 2.39 -2.75 -12.58
C THR A 61 3.00 -3.13 -13.95
N MET A 62 2.15 -3.46 -14.91
CA MET A 62 2.63 -3.82 -16.26
C MET A 62 3.34 -2.66 -16.98
N SER A 63 3.06 -1.43 -16.58
CA SER A 63 3.72 -0.26 -17.14
C SER A 63 5.18 -0.08 -16.66
N GLY A 64 5.64 -0.95 -15.77
CA GLY A 64 6.98 -0.88 -15.17
C GLY A 64 8.13 -0.60 -16.13
N PRO A 65 8.29 -1.48 -17.15
CA PRO A 65 9.43 -1.30 -18.08
C PRO A 65 9.41 0.03 -18.82
N GLY A 66 8.21 0.59 -19.01
CA GLY A 66 8.05 1.88 -19.68
C GLY A 66 8.24 3.14 -18.83
N GLY A 67 8.62 2.95 -17.56
CA GLY A 67 8.77 4.03 -16.58
C GLY A 67 7.73 4.04 -15.47
N GLY A 68 6.80 3.08 -15.44
CA GLY A 68 5.79 3.03 -14.37
C GLY A 68 4.85 4.22 -14.39
N GLN A 69 4.37 4.56 -15.59
CA GLN A 69 3.56 5.75 -15.86
C GLN A 69 4.36 7.03 -15.57
N ASP A 70 5.65 6.99 -15.94
CA ASP A 70 6.55 8.14 -15.95
C ASP A 70 6.76 8.77 -14.58
N GLY A 71 6.99 7.92 -13.60
CA GLY A 71 7.54 8.35 -12.31
C GLY A 71 8.90 9.00 -12.42
N LEU A 72 9.12 10.01 -11.59
CA LEU A 72 10.32 10.84 -11.71
C LEU A 72 11.44 10.50 -10.73
N PHE A 73 11.10 9.95 -9.57
CA PHE A 73 12.02 9.99 -8.44
C PHE A 73 12.50 8.62 -8.01
N PHE A 74 13.78 8.53 -7.76
CA PHE A 74 14.34 7.35 -7.14
C PHE A 74 14.10 7.45 -5.65
N THR A 75 14.08 6.30 -5.00
CA THR A 75 14.07 6.23 -3.56
C THR A 75 15.10 5.19 -3.07
N ASP A 76 15.33 5.22 -1.77
CA ASP A 76 15.98 4.10 -1.08
C ASP A 76 14.99 2.94 -0.83
N SER A 77 15.45 1.91 -0.13
N SER A 77 15.46 1.91 -0.11
CA SER A 77 14.63 0.71 0.10
CA SER A 77 14.68 0.70 0.16
C SER A 77 13.46 0.95 1.04
C SER A 77 13.51 0.92 1.11
N GLY A 78 13.48 2.08 1.76
CA GLY A 78 12.36 2.50 2.61
C GLY A 78 11.49 3.60 1.98
N PHE A 79 11.67 3.81 0.67
CA PHE A 79 10.86 4.73 -0.13
C PHE A 79 11.13 6.19 0.14
N LYS A 80 12.23 6.48 0.81
CA LYS A 80 12.61 7.85 0.99
C LYS A 80 13.29 8.35 -0.29
N PHE A 81 12.92 9.56 -0.73
CA PHE A 81 13.51 10.09 -1.95
C PHE A 81 15.01 10.19 -1.85
N ILE A 82 15.67 9.86 -2.96
CA ILE A 82 17.08 10.13 -3.15
C ILE A 82 17.27 10.85 -4.48
N LYS A 83 18.50 11.28 -4.77
CA LYS A 83 18.77 12.02 -6.00
C LYS A 83 19.14 11.00 -7.06
N GLY A 84 19.00 11.35 -8.32
CA GLY A 84 19.59 10.46 -9.35
C GLY A 84 18.63 9.71 -10.25
N GLY A 85 17.33 9.86 -10.01
CA GLY A 85 16.34 9.41 -10.93
C GLY A 85 16.14 10.34 -12.12
N ALA A 86 14.99 10.22 -12.78
CA ALA A 86 14.68 11.13 -13.89
C ALA A 86 14.69 12.60 -13.49
N ALA A 87 14.28 12.85 -12.24
CA ALA A 87 14.32 14.17 -11.60
C ALA A 87 14.76 14.02 -10.15
N ASP A 88 15.13 15.15 -9.54
CA ASP A 88 15.40 15.27 -8.11
C ASP A 88 14.33 16.16 -7.52
N VAL A 89 14.00 15.94 -6.25
CA VAL A 89 13.13 16.85 -5.51
C VAL A 89 13.85 17.32 -4.27
N ALA A 90 13.74 18.63 -4.00
CA ALA A 90 14.35 19.22 -2.82
C ALA A 90 13.27 19.99 -2.05
N LEU A 91 13.28 19.87 -0.72
CA LEU A 91 12.31 20.57 0.14
C LEU A 91 12.98 21.71 0.86
N ASP A 92 12.36 22.89 0.84
CA ASP A 92 12.88 23.98 1.63
C ASP A 92 11.83 24.47 2.62
N LYS A 93 12.09 24.20 3.89
CA LYS A 93 11.17 24.52 4.98
C LYS A 93 10.78 26.01 5.02
N GLU A 94 11.80 26.84 4.87
CA GLU A 94 11.71 28.30 5.05
C GLU A 94 10.82 28.96 4.03
N SER A 95 10.81 28.45 2.81
CA SER A 95 9.97 29.02 1.77
C SER A 95 8.76 28.16 1.45
N LYS A 96 8.61 27.05 2.17
CA LYS A 96 7.47 26.14 1.99
C LYS A 96 7.34 25.65 0.56
N THR A 97 8.47 25.19 0.00
CA THR A 97 8.54 24.88 -1.41
C THR A 97 9.20 23.52 -1.66
N ALA A 98 8.65 22.78 -2.61
CA ALA A 98 9.33 21.64 -3.23
C ALA A 98 9.88 22.14 -4.58
N THR A 99 11.15 21.87 -4.84
CA THR A 99 11.75 22.15 -6.12
C THR A 99 12.06 20.85 -6.88
N ILE A 100 11.43 20.70 -8.03
CA ILE A 100 11.60 19.53 -8.86
C ILE A 100 12.53 19.91 -10.00
N THR A 101 13.68 19.24 -10.09
CA THR A 101 14.65 19.48 -11.14
C THR A 101 14.72 18.30 -12.09
N LEU A 102 14.19 18.46 -13.30
CA LEU A 102 14.25 17.39 -14.29
C LEU A 102 15.65 17.30 -14.89
N ARG A 103 16.10 16.07 -15.18
CA ARG A 103 17.40 15.88 -15.81
C ARG A 103 17.49 16.64 -17.15
N LYS A 104 18.65 17.24 -17.41
CA LYS A 104 18.96 17.88 -18.66
C LYS A 104 18.58 17.00 -19.83
N ASP A 105 18.93 15.71 -19.76
CA ASP A 105 18.69 14.81 -20.89
C ASP A 105 17.48 13.89 -20.71
N LEU A 106 16.56 14.29 -19.86
CA LEU A 106 15.30 13.59 -19.72
C LEU A 106 14.41 13.89 -20.94
N LYS A 107 14.11 12.83 -21.69
CA LYS A 107 13.38 12.93 -22.94
C LYS A 107 12.20 11.98 -22.95
N TRP A 108 11.20 12.32 -23.76
CA TRP A 108 10.17 11.38 -24.15
C TRP A 108 10.72 10.38 -25.19
N SER A 109 9.98 9.29 -25.37
CA SER A 109 10.39 8.18 -26.24
C SER A 109 10.43 8.52 -27.73
N ASP A 110 9.93 9.71 -28.08
CA ASP A 110 10.03 10.18 -29.46
C ASP A 110 11.20 11.17 -29.65
N GLY A 111 12.00 11.37 -28.60
CA GLY A 111 13.15 12.28 -28.62
C GLY A 111 12.89 13.68 -28.14
N SER A 112 11.62 14.06 -27.98
CA SER A 112 11.26 15.38 -27.47
C SER A 112 11.64 15.53 -25.99
N GLU A 113 11.91 16.77 -25.60
CA GLU A 113 12.35 17.09 -24.24
C GLU A 113 11.23 16.98 -23.20
N VAL A 114 11.57 16.46 -22.04
CA VAL A 114 10.70 16.57 -20.89
C VAL A 114 10.96 17.90 -20.22
N THR A 115 9.90 18.69 -20.04
CA THR A 115 10.04 20.07 -19.58
C THR A 115 9.15 20.28 -18.39
N ALA A 116 9.37 21.41 -17.73
CA ALA A 116 8.57 21.83 -16.60
C ALA A 116 7.06 21.76 -16.86
N LYS A 117 6.63 22.09 -18.08
CA LYS A 117 5.20 22.08 -18.41
C LYS A 117 4.60 20.67 -18.31
N ASP A 118 5.38 19.68 -18.65
CA ASP A 118 4.96 18.26 -18.58
C ASP A 118 4.67 17.83 -17.16
N TYR A 119 5.42 18.40 -16.22
CA TYR A 119 5.19 18.12 -14.82
C TYR A 119 3.92 18.82 -14.33
N GLU A 120 3.78 20.10 -14.65
CA GLU A 120 2.57 20.84 -14.31
C GLU A 120 1.33 20.20 -14.93
N PHE A 121 1.46 19.67 -16.13
CA PHE A 121 0.33 19.13 -16.86
C PHE A 121 -0.27 17.93 -16.16
N THR A 122 0.57 17.14 -15.50
CA THR A 122 0.09 16.07 -14.63
C THR A 122 -0.96 16.60 -13.67
N TYR A 123 -0.64 17.72 -13.03
CA TYR A 123 -1.58 18.33 -12.09
C TYR A 123 -2.91 18.66 -12.76
N GLU A 124 -2.88 19.18 -13.98
CA GLU A 124 -4.13 19.50 -14.66
C GLU A 124 -4.94 18.24 -14.98
N THR A 125 -4.27 17.15 -15.36
CA THR A 125 -5.01 15.91 -15.67
C THR A 125 -5.82 15.37 -14.48
N ILE A 126 -5.35 15.66 -13.28
CA ILE A 126 -5.96 15.19 -12.04
C ILE A 126 -6.96 16.19 -11.48
N ALA A 127 -6.59 17.48 -11.54
CA ALA A 127 -7.32 18.54 -10.83
C ALA A 127 -8.43 19.17 -11.67
N ASN A 128 -8.22 19.24 -12.98
CA ASN A 128 -9.27 19.69 -13.89
C ASN A 128 -10.26 18.56 -14.11
N PRO A 129 -11.50 18.72 -13.60
CA PRO A 129 -12.46 17.60 -13.67
C PRO A 129 -12.86 17.16 -15.09
N ALA A 130 -12.55 17.98 -16.08
CA ALA A 130 -12.88 17.72 -17.47
C ALA A 130 -12.21 16.42 -17.97
N TYR A 131 -11.06 16.06 -17.42
CA TYR A 131 -10.34 14.83 -17.80
C TYR A 131 -10.94 13.58 -17.15
N GLY A 132 -11.73 13.79 -16.10
CA GLY A 132 -12.44 12.68 -15.45
C GLY A 132 -11.61 11.83 -14.52
N SER A 133 -10.52 12.35 -13.99
CA SER A 133 -9.69 11.62 -13.05
C SER A 133 -10.45 11.30 -11.77
N ASP A 134 -10.14 10.15 -11.20
CA ASP A 134 -10.64 9.80 -9.87
C ASP A 134 -9.58 10.09 -8.77
N ARG A 135 -8.44 10.68 -9.14
CA ARG A 135 -7.28 10.75 -8.24
C ARG A 135 -7.06 12.07 -7.49
N TRP A 136 -8.00 13.01 -7.56
CA TRP A 136 -7.95 14.18 -6.67
C TRP A 136 -8.01 13.68 -5.23
N THR A 137 -7.15 14.26 -4.39
CA THR A 137 -7.22 14.07 -2.93
C THR A 137 -7.19 15.44 -2.27
N ASP A 138 -7.71 15.51 -1.04
CA ASP A 138 -7.65 16.71 -0.22
C ASP A 138 -6.22 17.20 0.01
N SER A 139 -5.26 16.28 -0.05
CA SER A 139 -3.86 16.62 0.19
C SER A 139 -3.38 17.64 -0.79
N LEU A 140 -3.90 17.56 -2.01
CA LEU A 140 -3.54 18.49 -3.07
C LEU A 140 -4.04 19.93 -2.82
N ALA A 141 -5.07 20.09 -2.02
CA ALA A 141 -5.55 21.41 -1.59
C ALA A 141 -4.52 22.24 -0.79
N ASN A 142 -3.47 21.57 -0.29
CA ASN A 142 -2.35 22.20 0.40
C ASN A 142 -1.35 22.90 -0.55
N ILE A 143 -1.45 22.65 -1.86
CA ILE A 143 -0.73 23.42 -2.84
C ILE A 143 -1.46 24.73 -3.12
N VAL A 144 -0.72 25.82 -2.94
CA VAL A 144 -1.30 27.14 -3.13
C VAL A 144 -1.95 27.24 -4.52
N GLY A 145 -3.20 27.70 -4.54
CA GLY A 145 -3.90 27.93 -5.81
C GLY A 145 -4.56 26.70 -6.44
N LEU A 146 -4.26 25.52 -5.92
CA LEU A 146 -4.71 24.30 -6.60
C LEU A 146 -6.20 23.99 -6.40
N SER A 147 -6.72 24.24 -5.20
CA SER A 147 -8.17 24.06 -4.97
C SER A 147 -8.95 24.97 -5.93
N ASP A 148 -8.49 26.20 -6.10
CA ASP A 148 -9.18 27.16 -6.96
C ASP A 148 -9.14 26.74 -8.42
N TYR A 149 -8.05 26.12 -8.83
CA TYR A 149 -8.00 25.54 -10.16
C TYR A 149 -9.04 24.41 -10.29
N HIS A 150 -9.04 23.52 -9.30
CA HIS A 150 -9.88 22.30 -9.29
C HIS A 150 -11.38 22.61 -9.30
N THR A 151 -11.76 23.73 -8.68
CA THR A 151 -13.15 24.17 -8.69
C THR A 151 -13.50 25.12 -9.85
N GLY A 152 -12.51 25.42 -10.69
CA GLY A 152 -12.75 26.25 -11.87
C GLY A 152 -12.78 27.73 -11.58
N LYS A 153 -12.42 28.12 -10.37
CA LYS A 153 -12.32 29.52 -9.98
C LYS A 153 -11.06 30.19 -10.55
N ALA A 154 -10.02 29.40 -10.80
CA ALA A 154 -8.76 29.92 -11.37
C ALA A 154 -8.41 29.15 -12.65
N LYS A 155 -7.87 29.83 -13.66
CA LYS A 155 -7.55 29.19 -14.95
C LYS A 155 -6.16 28.53 -14.91
N THR A 156 -5.35 28.89 -13.92
CA THR A 156 -4.00 28.36 -13.76
C THR A 156 -3.76 27.97 -12.29
N ILE A 157 -2.67 27.23 -12.04
CA ILE A 157 -2.32 26.83 -10.68
C ILE A 157 -1.25 27.75 -10.12
N SER A 158 -1.64 28.63 -9.21
CA SER A 158 -0.77 29.75 -8.82
C SER A 158 0.47 29.31 -8.02
N GLY A 159 0.32 28.21 -7.26
CA GLY A 159 1.43 27.64 -6.51
C GLY A 159 2.49 26.88 -7.30
N ILE A 160 2.31 26.70 -8.60
CA ILE A 160 3.29 26.04 -9.44
C ILE A 160 3.91 27.07 -10.40
N THR A 161 5.21 27.30 -10.21
CA THR A 161 5.94 28.27 -11.01
C THR A 161 7.15 27.63 -11.68
N PHE A 162 7.66 28.30 -12.71
CA PHE A 162 8.75 27.80 -13.52
C PHE A 162 9.91 28.81 -13.54
N PRO A 163 10.88 28.66 -12.63
CA PRO A 163 12.07 29.54 -12.59
C PRO A 163 12.72 29.79 -13.96
N ASP A 164 12.72 28.78 -14.84
CA ASP A 164 13.30 28.94 -16.20
C ASP A 164 12.26 28.73 -17.30
N GLY A 165 11.01 29.06 -17.01
CA GLY A 165 9.95 28.96 -18.00
C GLY A 165 9.38 27.58 -18.16
N GLU A 166 8.33 27.47 -18.98
CA GLU A 166 7.66 26.19 -19.24
C GLU A 166 8.54 25.18 -19.97
N ASN A 167 9.48 25.67 -20.76
CA ASN A 167 10.37 24.82 -21.53
C ASN A 167 11.67 24.59 -20.81
N GLY A 168 11.77 25.11 -19.58
CA GLY A 168 12.90 24.82 -18.71
C GLY A 168 12.73 23.48 -18.02
N LYS A 169 13.61 23.22 -17.07
CA LYS A 169 13.70 21.92 -16.38
C LYS A 169 13.36 21.97 -14.89
N VAL A 170 13.00 23.14 -14.39
CA VAL A 170 12.77 23.31 -12.97
C VAL A 170 11.33 23.73 -12.73
N ILE A 171 10.76 23.15 -11.68
CA ILE A 171 9.42 23.48 -11.21
C ILE A 171 9.46 23.72 -9.69
N LYS A 172 8.87 24.83 -9.24
CA LYS A 172 8.66 25.08 -7.82
C LYS A 172 7.18 24.93 -7.47
N VAL A 173 6.94 24.21 -6.38
CA VAL A 173 5.60 23.96 -5.88
C VAL A 173 5.52 24.54 -4.47
N GLN A 174 4.60 25.48 -4.29
CA GLN A 174 4.46 26.21 -3.05
C GLN A 174 3.32 25.62 -2.27
N PHE A 175 3.58 25.34 -1.01
CA PHE A 175 2.60 24.74 -0.10
C PHE A 175 2.10 25.76 0.92
N LYS A 176 0.90 25.50 1.44
CA LYS A 176 0.39 26.26 2.58
C LYS A 176 1.15 25.84 3.85
N GLU A 177 1.37 24.53 3.99
CA GLU A 177 2.10 23.96 5.13
C GLU A 177 2.99 22.83 4.63
N MET A 178 4.18 22.72 5.21
CA MET A 178 5.07 21.59 4.94
C MET A 178 4.61 20.43 5.81
N LYS A 179 4.92 19.24 5.34
CA LYS A 179 4.61 18.00 6.03
C LYS A 179 5.86 17.12 6.02
N PRO A 180 6.20 16.49 7.14
CA PRO A 180 7.40 15.64 7.17
C PRO A 180 7.35 14.40 6.25
N GLY A 181 6.16 13.95 5.87
CA GLY A 181 6.01 12.85 4.93
C GLY A 181 6.43 13.24 3.53
N MET A 182 6.69 14.52 3.30
CA MET A 182 7.10 14.94 1.96
C MET A 182 8.43 14.36 1.44
N THR A 183 9.23 13.73 2.32
CA THR A 183 10.43 13.03 1.87
C THR A 183 10.20 11.55 1.50
N GLN A 184 8.96 11.08 1.62
CA GLN A 184 8.56 9.73 1.25
C GLN A 184 7.82 9.74 -0.07
N SER A 185 8.21 8.87 -0.99
CA SER A 185 7.40 8.63 -2.16
C SER A 185 6.00 8.16 -1.73
N GLY A 186 5.00 8.59 -2.48
CA GLY A 186 3.59 8.28 -2.21
C GLY A 186 2.96 9.15 -1.16
N ASN A 187 3.60 10.30 -0.85
CA ASN A 187 3.08 11.21 0.18
C ASN A 187 1.77 11.89 -0.24
N GLY A 188 1.60 12.08 -1.54
CA GLY A 188 0.38 12.69 -2.06
C GLY A 188 0.27 14.21 -1.97
N TYR A 189 1.24 14.89 -1.34
CA TYR A 189 1.23 16.35 -1.19
C TYR A 189 1.73 17.00 -2.44
N PHE A 190 2.61 16.28 -3.16
CA PHE A 190 2.97 16.65 -4.53
C PHE A 190 3.01 15.36 -5.36
N LEU A 191 2.91 15.52 -6.68
CA LEU A 191 2.87 14.40 -7.60
C LEU A 191 4.24 14.06 -8.14
N GLU A 192 4.37 12.86 -8.68
CA GLU A 192 5.68 12.32 -9.01
C GLU A 192 5.82 11.85 -10.44
N THR A 193 4.92 12.29 -11.30
CA THR A 193 4.92 11.85 -12.70
C THR A 193 4.82 13.02 -13.66
N VAL A 194 5.26 12.78 -14.90
CA VAL A 194 5.10 13.70 -16.00
C VAL A 194 4.14 13.20 -17.09
N ALA A 195 3.54 14.15 -17.82
CA ALA A 195 2.62 13.87 -18.93
C ALA A 195 3.10 14.63 -20.17
N PRO A 196 3.08 14.01 -21.36
CA PRO A 196 3.67 14.70 -22.52
C PRO A 196 2.74 15.78 -23.11
N TYR A 197 2.84 16.99 -22.56
CA TYR A 197 1.94 18.09 -22.94
C TYR A 197 1.97 18.37 -24.45
N GLN A 198 3.15 18.41 -25.06
CA GLN A 198 3.21 18.70 -26.51
C GLN A 198 2.54 17.62 -27.36
N TYR A 199 2.55 16.39 -26.88
CA TYR A 199 1.91 15.29 -27.58
C TYR A 199 0.38 15.29 -27.43
N LEU A 200 -0.12 15.82 -26.31
CA LEU A 200 -1.53 15.65 -25.91
C LEU A 200 -2.37 16.92 -25.91
N LYS A 201 -1.71 18.07 -26.15
CA LYS A 201 -2.31 19.37 -25.90
C LYS A 201 -3.55 19.65 -26.74
N ASP A 202 -3.70 18.96 -27.87
CA ASP A 202 -4.82 19.19 -28.81
C ASP A 202 -5.93 18.16 -28.65
N VAL A 203 -5.74 17.21 -27.76
CA VAL A 203 -6.79 16.26 -27.39
C VAL A 203 -7.73 16.91 -26.36
N ALA A 204 -9.04 16.83 -26.64
CA ALA A 204 -10.00 17.41 -25.72
C ALA A 204 -9.90 16.68 -24.40
N PRO A 205 -9.92 17.42 -23.27
CA PRO A 205 -9.79 16.72 -21.97
C PRO A 205 -10.71 15.50 -21.77
N LYS A 206 -12.00 15.65 -22.12
CA LYS A 206 -12.97 14.53 -22.02
C LYS A 206 -12.62 13.33 -22.91
N ASP A 207 -11.78 13.53 -23.93
CA ASP A 207 -11.34 12.44 -24.80
C ASP A 207 -9.94 11.89 -24.50
N LEU A 208 -9.27 12.48 -23.52
CA LEU A 208 -7.86 12.09 -23.28
C LEU A 208 -7.70 10.63 -22.85
N ALA A 209 -8.52 10.17 -21.91
CA ALA A 209 -8.41 8.79 -21.42
C ALA A 209 -8.63 7.73 -22.52
N SER A 210 -9.46 8.05 -23.51
CA SER A 210 -9.80 7.07 -24.56
C SER A 210 -8.98 7.26 -25.84
N SER A 211 -8.12 8.28 -25.87
CA SER A 211 -7.27 8.58 -27.02
C SER A 211 -6.24 7.48 -27.24
N PRO A 212 -5.96 7.12 -28.53
CA PRO A 212 -4.76 6.30 -28.81
C PRO A 212 -3.51 6.78 -28.10
N LYS A 213 -3.35 8.09 -28.02
CA LYS A 213 -2.14 8.65 -27.47
C LYS A 213 -1.91 8.39 -25.98
N THR A 214 -2.90 7.86 -25.28
CA THR A 214 -2.68 7.50 -23.88
C THR A 214 -2.91 6.02 -23.61
N THR A 215 -3.12 5.22 -24.65
CA THR A 215 -3.57 3.83 -24.52
C THR A 215 -2.68 2.90 -25.37
N THR A 216 -2.87 2.94 -26.69
CA THR A 216 -2.09 2.09 -27.60
C THR A 216 -0.81 2.74 -28.15
N LYS A 217 -0.75 4.08 -28.21
CA LYS A 217 0.37 4.81 -28.80
C LYS A 217 0.83 5.97 -27.93
N PRO A 218 1.31 5.69 -26.70
CA PRO A 218 1.77 6.72 -25.79
C PRO A 218 3.21 7.17 -26.06
N LEU A 219 3.59 8.29 -25.46
CA LEU A 219 5.00 8.59 -25.24
C LEU A 219 5.30 8.22 -23.79
N VAL A 220 6.51 7.68 -23.58
CA VAL A 220 6.99 7.32 -22.24
C VAL A 220 8.41 7.84 -21.99
N THR A 221 8.89 7.72 -20.76
CA THR A 221 10.24 8.18 -20.39
C THR A 221 11.17 7.02 -19.92
N GLY A 222 10.64 5.80 -19.85
CA GLY A 222 11.33 4.69 -19.24
C GLY A 222 12.40 4.05 -20.11
N PRO A 223 13.10 3.02 -19.58
CA PRO A 223 14.13 2.32 -20.37
C PRO A 223 13.60 1.57 -21.58
N PHE A 224 12.33 1.16 -21.53
CA PHE A 224 11.66 0.54 -22.67
C PHE A 224 10.45 1.40 -23.05
N LYS A 225 10.05 1.30 -24.31
CA LYS A 225 8.79 1.89 -24.77
C LYS A 225 7.90 0.79 -25.34
N PRO A 226 6.57 0.98 -25.28
CA PRO A 226 5.65 -0.02 -25.76
C PRO A 226 5.49 0.10 -27.26
N GLU A 227 6.01 -0.89 -27.98
CA GLU A 227 5.95 -0.92 -29.43
C GLU A 227 4.58 -1.41 -29.90
N ASN A 228 3.95 -2.23 -29.08
CA ASN A 228 2.63 -2.78 -29.40
C ASN A 228 1.86 -3.02 -28.13
N VAL A 229 0.60 -2.62 -28.11
CA VAL A 229 -0.29 -2.88 -26.98
C VAL A 229 -1.51 -3.61 -27.53
N VAL A 230 -1.75 -4.82 -27.04
CA VAL A 230 -2.98 -5.54 -27.35
C VAL A 230 -3.94 -5.30 -26.19
N ALA A 231 -5.04 -4.60 -26.48
CA ALA A 231 -5.95 -4.12 -25.43
C ALA A 231 -6.42 -5.26 -24.54
N GLY A 232 -6.36 -5.04 -23.23
CA GLY A 232 -6.73 -6.05 -22.23
C GLY A 232 -5.74 -7.15 -21.95
N GLU A 233 -4.69 -7.27 -22.77
CA GLU A 233 -3.85 -8.47 -22.75
C GLU A 233 -2.38 -8.27 -22.53
N SER A 234 -1.75 -7.45 -23.38
CA SER A 234 -0.30 -7.48 -23.46
C SER A 234 0.37 -6.22 -23.96
N ILE A 235 1.67 -6.16 -23.69
CA ILE A 235 2.54 -5.10 -24.17
C ILE A 235 3.84 -5.71 -24.71
N LYS A 236 4.23 -5.31 -25.91
CA LYS A 236 5.56 -5.62 -26.39
C LYS A 236 6.45 -4.39 -26.18
N TYR A 237 7.44 -4.56 -25.32
CA TYR A 237 8.39 -3.52 -25.00
C TYR A 237 9.66 -3.68 -25.78
N VAL A 238 10.17 -2.54 -26.26
CA VAL A 238 11.47 -2.42 -26.93
C VAL A 238 12.30 -1.28 -26.33
N PRO A 239 13.64 -1.31 -26.51
CA PRO A 239 14.45 -0.27 -25.90
C PRO A 239 14.02 1.12 -26.36
N ASN A 240 13.99 2.03 -25.40
CA ASN A 240 13.73 3.43 -25.69
C ASN A 240 15.07 4.12 -25.95
N PRO A 241 15.34 4.45 -27.24
CA PRO A 241 16.61 5.03 -27.60
C PRO A 241 16.99 6.28 -26.79
N TYR A 242 16.00 7.03 -26.30
CA TYR A 242 16.23 8.32 -25.65
C TYR A 242 16.29 8.28 -24.12
N TYR A 243 16.16 7.08 -23.54
CA TYR A 243 16.32 6.91 -22.10
C TYR A 243 17.65 7.53 -21.63
N TRP A 244 17.56 8.37 -20.60
CA TRP A 244 18.74 9.08 -20.02
C TRP A 244 19.75 8.15 -19.36
N GLY A 245 19.32 6.97 -18.95
CA GLY A 245 20.11 6.13 -18.10
C GLY A 245 20.83 5.07 -18.88
N GLU A 246 21.10 3.96 -18.22
N GLU A 246 21.10 3.96 -18.21
CA GLU A 246 21.88 2.90 -18.82
CA GLU A 246 21.84 2.86 -18.80
C GLU A 246 21.00 2.12 -19.79
C GLU A 246 20.96 2.14 -19.81
N LYS A 247 21.53 1.92 -21.00
CA LYS A 247 20.88 1.15 -22.04
C LYS A 247 20.62 -0.26 -21.50
N PRO A 248 19.41 -0.77 -21.73
CA PRO A 248 19.07 -2.09 -21.23
C PRO A 248 19.91 -3.20 -21.86
N LYS A 249 20.07 -4.29 -21.14
CA LYS A 249 20.70 -5.49 -21.70
C LYS A 249 19.80 -6.16 -22.75
N LEU A 250 18.51 -6.23 -22.46
CA LEU A 250 17.56 -7.01 -23.24
C LEU A 250 17.18 -6.28 -24.54
N ASN A 251 16.88 -7.07 -25.58
CA ASN A 251 16.34 -6.55 -26.84
C ASN A 251 14.84 -6.26 -26.74
N SER A 252 14.14 -7.05 -25.93
CA SER A 252 12.72 -6.83 -25.69
C SER A 252 12.20 -7.49 -24.41
N ILE A 253 11.04 -7.02 -24.00
CA ILE A 253 10.25 -7.64 -22.93
C ILE A 253 8.82 -7.73 -23.42
N THR A 254 8.19 -8.89 -23.22
CA THR A 254 6.75 -9.04 -23.44
C THR A 254 6.13 -9.15 -22.05
N TYR A 255 5.00 -8.48 -21.87
CA TYR A 255 4.37 -8.44 -20.58
C TYR A 255 2.90 -8.75 -20.84
N GLU A 256 2.42 -9.86 -20.26
CA GLU A 256 1.05 -10.35 -20.51
C GLU A 256 0.26 -10.66 -19.24
N VAL A 257 -1.06 -10.56 -19.35
CA VAL A 257 -1.96 -11.04 -18.31
C VAL A 257 -2.08 -12.55 -18.42
N VAL A 258 -2.04 -13.21 -17.28
CA VAL A 258 -2.31 -14.63 -17.21
C VAL A 258 -3.31 -14.86 -16.09
N SER A 259 -4.27 -15.76 -16.34
CA SER A 259 -5.33 -16.00 -15.37
C SER A 259 -4.80 -16.84 -14.22
N THR A 260 -5.49 -16.78 -13.11
CA THR A 260 -5.12 -17.55 -11.94
C THR A 260 -5.06 -19.03 -12.29
N ALA A 261 -6.02 -19.51 -13.08
CA ALA A 261 -6.15 -20.94 -13.40
C ALA A 261 -5.05 -21.43 -14.35
N LYS A 262 -4.36 -20.52 -15.03
CA LYS A 262 -3.35 -20.92 -15.99
C LYS A 262 -1.93 -20.62 -15.53
N SER A 263 -1.78 -19.94 -14.40
CA SER A 263 -0.47 -19.45 -13.94
C SER A 263 0.51 -20.59 -13.64
N VAL A 264 0.08 -21.59 -12.86
CA VAL A 264 0.96 -22.71 -12.49
C VAL A 264 1.41 -23.54 -13.72
N ALA A 265 0.47 -23.89 -14.61
CA ALA A 265 0.81 -24.52 -15.88
C ALA A 265 1.83 -23.73 -16.72
N ALA A 266 1.70 -22.40 -16.72
CA ALA A 266 2.61 -21.51 -17.47
C ALA A 266 4.03 -21.59 -16.93
N LEU A 267 4.15 -21.78 -15.61
CA LEU A 267 5.46 -22.01 -15.00
C LEU A 267 5.98 -23.40 -15.39
N SER A 268 5.12 -24.40 -15.35
CA SER A 268 5.51 -25.76 -15.71
C SER A 268 6.08 -25.86 -17.14
N SER A 269 5.48 -25.12 -18.07
CA SER A 269 5.93 -25.10 -19.46
C SER A 269 7.00 -24.06 -19.75
N SER A 270 7.31 -23.21 -18.78
CA SER A 270 8.26 -22.10 -18.96
C SER A 270 7.79 -21.07 -19.99
N LYS A 271 6.48 -20.84 -20.06
CA LYS A 271 5.90 -19.80 -20.89
C LYS A 271 6.35 -18.40 -20.46
N TYR A 272 6.52 -18.23 -19.15
CA TYR A 272 6.95 -16.93 -18.57
C TYR A 272 8.22 -17.07 -17.73
N ASP A 273 9.10 -16.10 -17.86
CA ASP A 273 10.28 -16.02 -17.03
C ASP A 273 9.97 -15.55 -15.62
N ILE A 274 9.00 -14.63 -15.53
CA ILE A 274 8.55 -14.05 -14.27
C ILE A 274 7.03 -13.97 -14.28
N ILE A 275 6.37 -14.40 -13.18
CA ILE A 275 4.97 -14.08 -13.00
C ILE A 275 4.79 -13.24 -11.72
N ASN A 276 4.25 -12.05 -11.91
CA ASN A 276 3.94 -11.13 -10.81
C ASN A 276 2.48 -11.20 -10.38
N GLY A 277 2.26 -10.95 -9.09
CA GLY A 277 0.89 -10.89 -8.52
C GLY A 277 0.25 -12.21 -8.18
N MET A 278 1.05 -13.26 -8.07
CA MET A 278 0.54 -14.56 -7.69
C MET A 278 0.06 -14.52 -6.24
N VAL A 279 -0.99 -15.30 -5.97
CA VAL A 279 -1.69 -15.19 -4.70
C VAL A 279 -1.16 -16.26 -3.76
N SER A 280 -1.31 -16.00 -2.46
CA SER A 280 -0.64 -16.78 -1.42
C SER A 280 -0.99 -18.27 -1.50
N SER A 281 -2.21 -18.61 -1.92
CA SER A 281 -2.66 -20.01 -1.97
C SER A 281 -1.88 -20.89 -2.96
N GLN A 282 -1.41 -20.29 -4.06
CA GLN A 282 -0.68 -21.04 -5.09
C GLN A 282 0.78 -21.28 -4.74
N TYR A 283 1.24 -20.74 -3.63
CA TYR A 283 2.65 -20.85 -3.29
C TYR A 283 3.09 -22.32 -3.19
N LYS A 284 2.29 -23.18 -2.55
CA LYS A 284 2.67 -24.59 -2.39
C LYS A 284 2.89 -25.29 -3.76
N GLN A 285 2.12 -24.89 -4.76
CA GLN A 285 2.27 -25.39 -6.13
C GLN A 285 3.52 -24.84 -6.85
N VAL A 286 4.00 -23.68 -6.39
CA VAL A 286 5.12 -22.99 -7.02
C VAL A 286 6.45 -23.38 -6.38
N LYS A 287 6.46 -23.53 -5.05
CA LYS A 287 7.69 -23.79 -4.31
C LYS A 287 8.49 -24.93 -4.92
N ASN A 288 7.80 -26.02 -5.23
CA ASN A 288 8.42 -27.23 -5.79
C ASN A 288 8.92 -27.16 -7.22
N LEU A 289 8.50 -26.14 -7.97
CA LEU A 289 8.79 -26.12 -9.40
C LEU A 289 10.29 -26.05 -9.67
N LYS A 290 10.76 -27.06 -10.37
CA LYS A 290 12.13 -27.04 -10.82
C LYS A 290 12.24 -25.96 -11.90
N GLY A 291 13.42 -25.38 -11.97
CA GLY A 291 13.71 -24.42 -13.01
C GLY A 291 13.41 -23.00 -12.59
N TYR A 292 12.85 -22.82 -11.40
CA TYR A 292 12.50 -21.49 -10.86
C TYR A 292 13.14 -21.25 -9.51
N LYS A 293 13.50 -19.99 -9.29
CA LYS A 293 13.87 -19.47 -7.97
C LYS A 293 12.69 -18.63 -7.49
N VAL A 294 12.17 -18.91 -6.29
CA VAL A 294 11.06 -18.11 -5.77
C VAL A 294 11.63 -17.08 -4.81
N LEU A 295 11.52 -15.83 -5.20
CA LEU A 295 11.89 -14.70 -4.38
C LEU A 295 10.72 -14.22 -3.52
N GLY A 296 11.10 -13.58 -2.41
CA GLY A 296 10.11 -13.01 -1.51
C GLY A 296 10.50 -11.64 -1.05
N GLN A 297 9.48 -10.90 -0.62
CA GLN A 297 9.67 -9.51 -0.14
C GLN A 297 8.59 -9.15 0.89
N GLN A 298 8.96 -8.27 1.80
CA GLN A 298 8.03 -7.75 2.82
C GLN A 298 7.02 -6.84 2.11
N ALA A 299 5.73 -7.13 2.29
CA ALA A 299 4.64 -6.31 1.71
C ALA A 299 4.33 -5.01 2.49
N MET A 300 3.76 -4.04 1.79
CA MET A 300 3.30 -2.79 2.38
C MET A 300 1.84 -3.00 2.77
N TYR A 301 1.66 -3.77 3.85
CA TYR A 301 0.38 -4.40 4.25
C TYR A 301 0.31 -4.53 5.76
N ILE A 302 -0.89 -4.31 6.29
CA ILE A 302 -1.18 -4.63 7.67
C ILE A 302 -2.60 -5.15 7.78
N SER A 303 -2.75 -6.19 8.58
CA SER A 303 -4.09 -6.62 8.96
C SER A 303 -4.23 -6.43 10.45
N LEU A 304 -5.45 -6.14 10.90
CA LEU A 304 -5.67 -5.86 12.31
C LEU A 304 -7.09 -6.18 12.73
N MET A 305 -7.27 -6.33 14.03
CA MET A 305 -8.58 -6.53 14.66
C MET A 305 -9.08 -5.21 15.28
N TYR A 306 -10.32 -4.84 14.98
CA TYR A 306 -10.96 -3.63 15.47
C TYR A 306 -11.99 -4.02 16.53
N TYR A 307 -12.14 -3.18 17.54
CA TYR A 307 -13.24 -3.28 18.49
C TYR A 307 -14.21 -2.13 18.29
N ASN A 308 -15.51 -2.42 18.37
CA ASN A 308 -16.54 -1.41 18.14
C ASN A 308 -16.84 -0.61 19.44
N LEU A 309 -16.44 0.67 19.44
CA LEU A 309 -16.44 1.49 20.67
C LEU A 309 -17.24 2.80 20.59
N GLY A 310 -17.92 3.02 19.48
CA GLY A 310 -18.63 4.28 19.31
C GLY A 310 -19.32 4.42 17.97
N HIS A 311 -19.34 5.66 17.48
CA HIS A 311 -20.06 6.04 16.27
C HIS A 311 -19.30 7.15 15.59
N TYR A 312 -19.59 7.34 14.30
CA TYR A 312 -19.02 8.42 13.54
C TYR A 312 -20.08 9.49 13.25
N ASP A 313 -19.74 10.73 13.63
CA ASP A 313 -20.57 11.91 13.38
C ASP A 313 -20.09 12.58 12.11
N ALA A 314 -20.78 12.26 11.02
CA ALA A 314 -20.40 12.73 9.71
C ALA A 314 -20.52 14.23 9.60
N LYS A 315 -21.58 14.81 10.16
CA LYS A 315 -21.80 16.24 10.02
C LYS A 315 -20.64 17.01 10.65
N ASN A 316 -20.17 16.54 11.80
CA ASN A 316 -19.07 17.20 12.51
C ASN A 316 -17.72 16.55 12.29
N SER A 317 -17.67 15.59 11.36
CA SER A 317 -16.43 14.84 11.06
C SER A 317 -15.64 14.42 12.29
N ILE A 318 -16.29 13.65 13.16
CA ILE A 318 -15.64 13.23 14.38
C ILE A 318 -16.18 11.90 14.89
N ASN A 319 -15.25 11.07 15.33
CA ASN A 319 -15.55 9.83 16.01
C ASN A 319 -15.86 10.11 17.50
N VAL A 320 -16.92 9.47 17.99
CA VAL A 320 -17.37 9.65 19.36
C VAL A 320 -17.43 8.26 19.96
N GLN A 321 -16.64 8.07 21.02
CA GLN A 321 -16.43 6.75 21.60
C GLN A 321 -17.48 6.43 22.67
N ASP A 322 -18.75 6.33 22.25
CA ASP A 322 -19.89 6.31 23.18
C ASP A 322 -20.73 5.05 23.16
N ARG A 323 -20.14 3.94 22.70
CA ARG A 323 -20.86 2.67 22.65
C ARG A 323 -20.80 1.93 23.98
N LYS A 324 -21.95 1.47 24.45
CA LYS A 324 -22.01 0.60 25.63
C LYS A 324 -21.47 -0.78 25.27
N THR A 325 -20.37 -1.17 25.88
CA THR A 325 -19.76 -2.51 25.63
C THR A 325 -18.66 -2.78 26.65
N PRO A 326 -18.50 -4.05 27.04
CA PRO A 326 -17.37 -4.42 27.86
C PRO A 326 -16.03 -4.09 27.22
N LEU A 327 -15.99 -3.89 25.90
CA LEU A 327 -14.75 -3.55 25.21
C LEU A 327 -14.30 -2.15 25.53
N GLN A 328 -15.11 -1.37 26.26
CA GLN A 328 -14.63 -0.07 26.78
C GLN A 328 -13.57 -0.25 27.85
N ASP A 329 -13.48 -1.44 28.43
CA ASP A 329 -12.46 -1.74 29.43
C ASP A 329 -11.17 -2.18 28.77
N GLN A 330 -10.08 -1.44 29.04
CA GLN A 330 -8.76 -1.79 28.48
C GLN A 330 -8.33 -3.23 28.75
N ASN A 331 -8.54 -3.70 29.99
CA ASN A 331 -8.25 -5.09 30.31
C ASN A 331 -8.93 -6.10 29.39
N VAL A 332 -10.20 -5.85 29.08
CA VAL A 332 -10.97 -6.72 28.16
C VAL A 332 -10.38 -6.69 26.73
N ARG A 333 -10.09 -5.51 26.22
CA ARG A 333 -9.48 -5.38 24.88
C ARG A 333 -8.15 -6.12 24.80
N GLN A 334 -7.31 -5.94 25.82
CA GLN A 334 -6.02 -6.62 25.86
C GLN A 334 -6.17 -8.13 25.97
N ALA A 335 -7.04 -8.60 26.86
CA ALA A 335 -7.28 -10.05 27.02
C ALA A 335 -7.70 -10.75 25.72
N ILE A 336 -8.62 -10.12 24.99
N ILE A 336 -8.61 -10.13 24.97
CA ILE A 336 -9.10 -10.66 23.73
CA ILE A 336 -9.09 -10.70 23.72
C ILE A 336 -7.95 -10.74 22.71
C ILE A 336 -7.97 -10.72 22.67
N GLY A 337 -7.06 -9.75 22.74
CA GLY A 337 -5.82 -9.80 21.95
C GLY A 337 -4.86 -10.90 22.36
N TYR A 338 -4.58 -11.03 23.65
CA TYR A 338 -3.61 -12.05 24.14
C TYR A 338 -4.11 -13.50 23.91
N ALA A 339 -5.43 -13.67 23.85
CA ALA A 339 -6.04 -14.99 23.65
C ALA A 339 -5.83 -15.58 22.27
N ARG A 340 -5.70 -14.74 21.24
CA ARG A 340 -5.57 -15.23 19.87
C ARG A 340 -4.25 -15.96 19.70
N ASN A 341 -4.24 -16.91 18.78
CA ASN A 341 -3.07 -17.74 18.46
C ASN A 341 -2.65 -17.43 17.02
N VAL A 342 -2.29 -16.18 16.78
CA VAL A 342 -2.00 -15.73 15.44
C VAL A 342 -0.81 -16.47 14.82
N ALA A 343 0.27 -16.61 15.59
CA ALA A 343 1.46 -17.34 15.17
C ALA A 343 1.09 -18.76 14.76
N GLU A 344 0.29 -19.42 15.59
CA GLU A 344 -0.07 -20.79 15.32
C GLU A 344 -0.90 -20.94 14.04
N VAL A 345 -1.91 -20.06 13.90
CA VAL A 345 -2.69 -19.92 12.69
C VAL A 345 -1.80 -19.73 11.46
N ASP A 346 -0.83 -18.82 11.54
CA ASP A 346 0.02 -18.54 10.40
C ASP A 346 0.84 -19.76 10.06
N ASN A 347 1.32 -20.44 11.09
CA ASN A 347 2.18 -21.59 10.87
C ASN A 347 1.44 -22.73 10.20
N LYS A 348 0.17 -22.94 10.58
CA LYS A 348 -0.63 -23.98 9.95
C LYS A 348 -0.96 -23.65 8.49
N PHE A 349 -1.30 -22.40 8.21
CA PHE A 349 -2.02 -22.05 6.99
C PHE A 349 -1.28 -21.20 5.97
N SER A 350 -0.28 -20.44 6.39
CA SER A 350 0.17 -19.32 5.56
C SER A 350 1.35 -19.60 4.63
N ASN A 351 2.05 -20.72 4.83
CA ASN A 351 3.24 -21.05 4.04
C ASN A 351 4.35 -20.00 4.20
N GLY A 352 4.37 -19.37 5.36
CA GLY A 352 5.34 -18.34 5.67
C GLY A 352 5.03 -17.02 4.98
N LEU A 353 3.84 -16.91 4.40
CA LEU A 353 3.51 -15.67 3.70
C LEU A 353 2.73 -14.68 4.56
N SER A 354 2.21 -15.13 5.70
CA SER A 354 1.69 -14.23 6.73
C SER A 354 2.54 -14.46 7.95
N THR A 355 2.96 -13.39 8.62
CA THR A 355 3.78 -13.51 9.81
C THR A 355 3.21 -12.56 10.87
N PRO A 356 3.20 -12.96 12.16
CA PRO A 356 2.50 -12.10 13.12
C PRO A 356 3.04 -10.68 13.20
N ALA A 357 2.11 -9.73 13.19
CA ALA A 357 2.42 -8.33 13.38
C ALA A 357 2.65 -8.03 14.85
N ASN A 358 3.74 -7.30 15.14
CA ASN A 358 3.95 -6.73 16.48
C ASN A 358 3.42 -5.33 16.67
N SER A 359 3.11 -4.66 15.56
CA SER A 359 2.70 -3.28 15.55
C SER A 359 1.95 -2.94 14.28
N LEU A 360 1.43 -1.71 14.20
CA LEU A 360 0.61 -1.31 13.08
C LEU A 360 1.38 -0.92 11.81
N ILE A 361 2.66 -0.58 11.98
CA ILE A 361 3.51 -0.19 10.85
C ILE A 361 4.34 -1.39 10.41
N PRO A 362 4.19 -1.80 9.14
CA PRO A 362 4.92 -2.91 8.58
C PRO A 362 6.44 -2.76 8.65
N PRO A 363 7.15 -3.84 8.87
CA PRO A 363 8.59 -3.74 9.09
C PRO A 363 9.45 -3.27 7.88
N ILE A 364 8.89 -3.30 6.68
CA ILE A 364 9.57 -2.75 5.53
C ILE A 364 9.95 -1.27 5.75
N PHE A 365 9.13 -0.56 6.55
CA PHE A 365 9.45 0.82 6.89
C PHE A 365 10.46 0.86 8.06
N LYS A 366 11.73 0.55 7.79
CA LYS A 366 12.73 0.42 8.87
C LYS A 366 12.92 1.76 9.59
N GLN A 367 12.71 2.86 8.88
CA GLN A 367 12.87 4.19 9.41
C GLN A 367 11.67 4.63 10.27
N PHE A 368 10.64 3.79 10.38
CA PHE A 368 9.40 4.18 11.09
C PHE A 368 8.92 3.15 12.09
N THR A 369 9.69 2.09 12.30
CA THR A 369 9.26 1.11 13.25
C THR A 369 10.44 0.37 13.79
N SER A 370 10.16 -0.56 14.70
CA SER A 370 11.20 -1.38 15.30
C SER A 370 10.56 -2.66 15.76
N SER A 371 11.31 -3.76 15.65
CA SER A 371 10.84 -5.05 16.11
C SER A 371 10.81 -5.13 17.62
N SER A 372 11.39 -4.12 18.27
CA SER A 372 11.35 -4.03 19.74
C SER A 372 9.96 -3.67 20.31
N VAL A 373 9.06 -3.17 19.46
CA VAL A 373 7.69 -2.89 19.90
C VAL A 373 6.97 -4.23 20.08
N LYS A 374 6.42 -4.43 21.28
CA LYS A 374 5.70 -5.66 21.58
C LYS A 374 4.22 -5.42 21.47
N GLY A 375 3.55 -6.35 20.83
CA GLY A 375 2.10 -6.34 20.71
C GLY A 375 1.55 -7.69 21.15
N TYR A 376 0.70 -8.27 20.31
CA TYR A 376 -0.03 -9.48 20.63
C TYR A 376 0.40 -10.67 19.79
N GLU A 377 1.64 -10.62 19.32
CA GLU A 377 2.17 -11.62 18.41
C GLU A 377 2.44 -12.98 19.09
N LYS A 378 2.41 -13.01 20.42
CA LYS A 378 2.58 -14.25 21.17
C LYS A 378 1.31 -14.51 22.00
N GLN A 379 0.68 -15.65 21.79
CA GLN A 379 -0.48 -16.03 22.60
C GLN A 379 -0.09 -16.08 24.08
N ASP A 380 -0.93 -15.53 24.93
CA ASP A 380 -0.70 -15.60 26.39
C ASP A 380 -2.06 -15.73 27.06
N LEU A 381 -2.53 -16.97 27.12
CA LEU A 381 -3.83 -17.27 27.72
C LEU A 381 -3.82 -16.99 29.23
N ASP A 382 -2.72 -17.29 29.92
CA ASP A 382 -2.61 -16.96 31.35
C ASP A 382 -2.83 -15.47 31.62
N LYS A 383 -2.14 -14.64 30.84
CA LYS A 383 -2.24 -13.19 30.96
C LYS A 383 -3.67 -12.71 30.68
N ALA A 384 -4.28 -13.24 29.63
CA ALA A 384 -5.66 -12.91 29.26
C ALA A 384 -6.66 -13.23 30.39
N ASN A 385 -6.56 -14.44 30.91
CA ASN A 385 -7.39 -14.86 32.05
C ASN A 385 -7.21 -13.99 33.30
N LYS A 386 -5.97 -13.65 33.61
CA LYS A 386 -5.65 -12.83 34.77
C LYS A 386 -6.21 -11.41 34.61
N LEU A 387 -6.08 -10.86 33.42
CA LEU A 387 -6.62 -9.53 33.11
C LEU A 387 -8.13 -9.45 33.33
N LEU A 388 -8.85 -10.49 32.91
CA LEU A 388 -10.30 -10.52 33.05
C LEU A 388 -10.70 -10.72 34.51
N ASP A 389 -10.02 -11.66 35.17
CA ASP A 389 -10.14 -11.79 36.63
C ASP A 389 -10.02 -10.48 37.37
N GLU A 390 -8.86 -9.82 37.20
N GLU A 390 -8.86 -9.82 37.17
CA GLU A 390 -8.54 -8.65 38.02
CA GLU A 390 -8.50 -8.64 37.94
C GLU A 390 -9.38 -7.43 37.67
C GLU A 390 -9.13 -7.38 37.31
N ASP A 391 -10.33 -7.64 36.76
CA ASP A 391 -11.21 -6.57 36.32
C ASP A 391 -12.66 -6.91 36.63
N GLY A 392 -12.90 -7.99 37.36
CA GLY A 392 -14.23 -8.36 37.83
C GLY A 392 -15.00 -9.32 36.95
N TRP A 393 -14.44 -9.69 35.80
CA TRP A 393 -15.09 -10.66 34.94
C TRP A 393 -14.78 -12.04 35.49
N LYS A 394 -15.70 -12.54 36.29
CA LYS A 394 -15.48 -13.75 37.08
C LYS A 394 -16.14 -14.92 36.37
N LEU A 395 -15.42 -16.03 36.30
CA LEU A 395 -15.83 -17.20 35.55
C LEU A 395 -16.97 -17.97 36.23
N ASN A 396 -17.71 -18.73 35.43
CA ASN A 396 -18.75 -19.62 35.95
C ASN A 396 -18.28 -21.05 36.09
N LYS A 397 -18.90 -21.72 37.05
CA LYS A 397 -18.84 -23.16 37.14
C LYS A 397 -19.68 -23.70 35.98
N SER A 398 -20.97 -23.34 36.00
CA SER A 398 -22.01 -23.96 35.20
C SER A 398 -21.72 -23.79 33.71
N THR A 399 -21.76 -22.55 33.22
CA THR A 399 -21.25 -22.21 31.89
C THR A 399 -19.76 -21.99 32.06
N GLY A 400 -19.01 -22.12 30.98
CA GLY A 400 -17.57 -21.84 31.04
C GLY A 400 -17.25 -20.40 30.70
N TYR A 401 -18.13 -19.48 31.07
CA TYR A 401 -18.05 -18.08 30.64
C TYR A 401 -18.10 -17.11 31.81
N ARG A 402 -17.48 -15.95 31.62
CA ARG A 402 -17.31 -14.98 32.69
C ARG A 402 -18.48 -14.01 32.77
N GLU A 403 -18.78 -13.57 34.00
CA GLU A 403 -19.85 -12.63 34.28
C GLU A 403 -19.38 -11.49 35.17
N LYS A 404 -20.09 -10.36 35.08
CA LYS A 404 -19.77 -9.17 35.86
C LYS A 404 -21.02 -8.33 36.06
N ASP A 405 -21.30 -7.98 37.32
CA ASP A 405 -22.60 -7.43 37.71
C ASP A 405 -23.72 -8.22 37.01
N GLY A 406 -23.58 -9.55 37.00
CA GLY A 406 -24.63 -10.44 36.54
C GLY A 406 -24.82 -10.62 35.04
N LYS A 407 -23.99 -9.97 34.22
CA LYS A 407 -24.09 -10.07 32.76
C LYS A 407 -22.93 -10.87 32.17
N GLU A 408 -23.26 -11.76 31.24
CA GLU A 408 -22.26 -12.61 30.59
C GLU A 408 -21.41 -11.85 29.56
N LEU A 409 -20.13 -12.24 29.47
CA LEU A 409 -19.19 -11.64 28.53
C LEU A 409 -19.34 -12.34 27.17
N SER A 410 -20.23 -11.80 26.35
CA SER A 410 -20.63 -12.39 25.07
C SER A 410 -20.45 -11.32 23.97
N LEU A 411 -19.79 -11.66 22.86
CA LEU A 411 -19.45 -10.67 21.82
C LEU A 411 -19.74 -11.22 20.42
N VAL A 412 -19.99 -10.33 19.47
CA VAL A 412 -20.26 -10.69 18.08
C VAL A 412 -19.06 -10.35 17.22
N TYR A 413 -18.62 -11.34 16.46
CA TYR A 413 -17.46 -11.22 15.57
C TYR A 413 -17.86 -11.18 14.10
N ALA A 414 -17.73 -9.99 13.51
CA ALA A 414 -17.94 -9.77 12.10
C ALA A 414 -16.71 -10.17 11.31
N ALA A 415 -16.46 -11.46 11.27
CA ALA A 415 -15.41 -12.07 10.46
C ALA A 415 -15.85 -12.07 9.00
N ARG A 416 -14.89 -12.08 8.11
CA ARG A 416 -15.27 -11.99 6.71
C ARG A 416 -14.61 -13.02 5.80
N VAL A 417 -15.25 -13.19 4.65
CA VAL A 417 -14.73 -14.00 3.56
C VAL A 417 -13.47 -13.35 2.98
N GLY A 418 -12.53 -14.13 2.44
CA GLY A 418 -11.37 -13.53 1.75
C GLY A 418 -10.13 -14.39 1.71
N ASP A 419 -9.58 -14.69 2.88
CA ASP A 419 -8.57 -15.74 2.99
C ASP A 419 -9.15 -17.11 2.61
N ALA A 420 -8.34 -17.94 1.93
CA ALA A 420 -8.77 -19.28 1.48
C ALA A 420 -9.22 -20.24 2.61
N ASN A 421 -8.73 -19.97 3.85
CA ASN A 421 -9.17 -20.66 5.09
C ASN A 421 -9.89 -19.72 6.08
N ALA A 422 -10.65 -18.76 5.54
CA ALA A 422 -11.31 -17.74 6.35
C ALA A 422 -12.20 -18.34 7.44
N GLU A 423 -12.97 -19.38 7.09
CA GLU A 423 -13.88 -19.99 8.05
C GLU A 423 -13.15 -20.67 9.17
N THR A 424 -12.11 -21.38 8.81
CA THR A 424 -11.31 -22.17 9.75
C THR A 424 -10.57 -21.28 10.75
N ILE A 425 -10.01 -20.17 10.25
CA ILE A 425 -9.31 -19.18 11.07
C ILE A 425 -10.26 -18.53 12.06
N ALA A 426 -11.42 -18.07 11.59
CA ALA A 426 -12.39 -17.44 12.49
C ALA A 426 -12.81 -18.40 13.60
N GLN A 427 -13.01 -19.67 13.26
CA GLN A 427 -13.48 -20.63 14.26
C GLN A 427 -12.39 -20.86 15.30
N ASN A 428 -11.15 -20.91 14.85
CA ASN A 428 -10.02 -21.08 15.74
C ASN A 428 -9.95 -19.96 16.79
N TYR A 429 -10.19 -18.73 16.35
CA TYR A 429 -10.23 -17.61 17.30
C TYR A 429 -11.40 -17.69 18.29
N ILE A 430 -12.57 -18.07 17.81
CA ILE A 430 -13.72 -18.29 18.68
C ILE A 430 -13.38 -19.31 19.78
N GLN A 431 -12.69 -20.38 19.39
CA GLN A 431 -12.29 -21.40 20.36
C GLN A 431 -11.26 -20.89 21.36
N GLN A 432 -10.37 -20.02 20.91
CA GLN A 432 -9.38 -19.42 21.80
C GLN A 432 -10.07 -18.55 22.81
N TRP A 433 -11.09 -17.82 22.37
CA TRP A 433 -11.79 -16.91 23.25
C TRP A 433 -12.63 -17.68 24.28
N LYS A 434 -13.10 -18.85 23.89
CA LYS A 434 -13.79 -19.73 24.84
C LYS A 434 -12.86 -20.17 26.00
N LYS A 435 -11.58 -20.40 25.69
CA LYS A 435 -10.57 -20.72 26.69
C LYS A 435 -10.39 -19.66 27.77
N ILE A 436 -10.69 -18.39 27.45
CA ILE A 436 -10.59 -17.31 28.43
C ILE A 436 -11.96 -16.88 28.99
N GLY A 437 -12.99 -17.65 28.64
CA GLY A 437 -14.32 -17.48 29.19
C GLY A 437 -15.13 -16.42 28.47
N VAL A 438 -14.74 -16.11 27.23
CA VAL A 438 -15.46 -15.14 26.40
C VAL A 438 -16.22 -15.91 25.30
N LYS A 439 -17.52 -15.63 25.23
CA LYS A 439 -18.40 -16.27 24.27
C LYS A 439 -18.48 -15.38 23.05
N VAL A 440 -17.99 -15.87 21.93
CA VAL A 440 -17.98 -15.11 20.67
C VAL A 440 -18.71 -15.88 19.60
N SER A 441 -19.58 -15.18 18.88
CA SER A 441 -20.31 -15.74 17.76
C SER A 441 -20.12 -14.89 16.52
N LEU A 442 -20.26 -15.53 15.37
CA LEU A 442 -20.19 -14.85 14.07
C LEU A 442 -21.39 -13.93 13.83
N TYR A 443 -21.12 -12.83 13.15
CA TYR A 443 -22.17 -11.91 12.77
C TYR A 443 -23.17 -12.64 11.85
N ASN A 444 -24.44 -12.69 12.29
CA ASN A 444 -25.49 -13.44 11.57
C ASN A 444 -25.12 -14.92 11.32
N GLY A 445 -24.27 -15.50 12.17
CA GLY A 445 -23.87 -16.90 12.08
C GLY A 445 -23.08 -17.34 10.86
N LYS A 446 -22.54 -16.38 10.12
CA LYS A 446 -21.71 -16.70 8.94
C LYS A 446 -20.68 -15.64 8.68
N LEU A 447 -19.72 -15.95 7.83
CA LEU A 447 -18.76 -14.92 7.39
C LEU A 447 -19.47 -13.86 6.53
N MET A 448 -19.01 -12.62 6.64
CA MET A 448 -19.51 -11.52 5.81
C MET A 448 -18.81 -11.47 4.48
N GLU A 449 -19.57 -11.21 3.42
CA GLU A 449 -18.97 -10.92 2.13
C GLU A 449 -18.27 -9.58 2.22
N PHE A 450 -17.25 -9.40 1.38
CA PHE A 450 -16.42 -8.20 1.44
C PHE A 450 -17.25 -6.93 1.21
N ASN A 451 -18.08 -6.90 0.17
CA ASN A 451 -18.81 -5.68 -0.12
C ASN A 451 -19.79 -5.35 1.02
N SER A 452 -20.41 -6.38 1.59
CA SER A 452 -21.21 -6.22 2.79
C SER A 452 -20.40 -5.62 3.93
N TRP A 453 -19.21 -6.17 4.14
CA TRP A 453 -18.37 -5.75 5.23
C TRP A 453 -17.98 -4.27 5.05
N VAL A 454 -17.53 -3.89 3.85
CA VAL A 454 -17.18 -2.50 3.60
C VAL A 454 -18.36 -1.54 3.89
N ASP A 455 -19.55 -1.88 3.39
CA ASP A 455 -20.74 -1.08 3.66
C ASP A 455 -20.99 -0.96 5.17
N HIS A 456 -20.88 -2.09 5.89
CA HIS A 456 -21.21 -2.11 7.32
C HIS A 456 -20.27 -1.22 8.12
N MET A 457 -19.00 -1.20 7.72
CA MET A 457 -17.98 -0.51 8.47
C MET A 457 -17.87 0.96 8.09
N THR A 458 -18.30 1.32 6.87
CA THR A 458 -18.04 2.67 6.35
C THR A 458 -19.28 3.55 6.22
N THR A 459 -20.47 3.00 6.42
CA THR A 459 -21.67 3.82 6.36
C THR A 459 -21.89 4.50 7.71
N PRO A 460 -21.77 5.82 7.77
CA PRO A 460 -22.02 6.41 9.07
C PRO A 460 -23.49 6.25 9.47
N PRO A 461 -23.76 6.25 10.78
CA PRO A 461 -22.83 6.53 11.86
C PRO A 461 -22.08 5.31 12.38
N GLY A 462 -22.30 4.16 11.77
CA GLY A 462 -21.75 2.91 12.21
C GLY A 462 -22.81 2.06 12.88
N ALA A 463 -22.64 0.74 12.77
CA ALA A 463 -23.58 -0.20 13.36
C ALA A 463 -23.27 -0.44 14.83
N ASN A 464 -24.26 -0.96 15.53
CA ASN A 464 -24.18 -1.23 16.98
C ASN A 464 -24.28 -2.75 17.20
N ASP A 465 -24.20 -3.52 16.12
CA ASP A 465 -24.50 -4.94 16.17
C ASP A 465 -23.32 -5.86 15.91
N TRP A 466 -22.12 -5.31 16.01
CA TRP A 466 -20.88 -6.12 16.03
C TRP A 466 -19.99 -5.58 17.14
N ASP A 467 -19.08 -6.44 17.61
CA ASP A 467 -18.10 -6.05 18.63
C ASP A 467 -16.68 -6.13 18.12
N ILE A 468 -16.40 -7.17 17.36
CA ILE A 468 -15.02 -7.42 16.87
C ILE A 468 -15.08 -7.56 15.35
N THR A 469 -14.13 -6.96 14.62
CA THR A 469 -14.01 -7.25 13.16
C THR A 469 -12.55 -7.23 12.74
N ASP A 470 -12.28 -7.70 11.52
CA ASP A 470 -10.94 -7.64 10.95
C ASP A 470 -10.92 -6.70 9.77
N GLY A 471 -9.79 -6.01 9.59
CA GLY A 471 -9.55 -5.14 8.44
C GLY A 471 -8.16 -5.42 7.91
N SER A 472 -7.86 -5.02 6.69
CA SER A 472 -6.53 -5.24 6.15
C SER A 472 -6.31 -4.17 5.08
N TRP A 473 -5.12 -3.59 5.08
CA TRP A 473 -4.82 -2.43 4.27
C TRP A 473 -3.55 -2.65 3.49
N SER A 474 -3.58 -2.17 2.26
CA SER A 474 -2.40 -1.96 1.45
C SER A 474 -1.98 -0.53 1.67
N LEU A 475 -0.83 -0.35 2.30
CA LEU A 475 -0.38 0.98 2.72
C LEU A 475 0.40 1.66 1.60
N ALA A 476 0.23 2.97 1.47
CA ALA A 476 1.09 3.80 0.61
C ALA A 476 2.49 3.85 1.24
N SER A 477 3.47 4.27 0.45
CA SER A 477 4.85 4.31 0.91
C SER A 477 5.17 5.50 1.82
N GLU A 478 4.18 6.35 2.06
CA GLU A 478 4.15 7.23 3.25
C GLU A 478 3.03 6.62 4.10
N PRO A 479 3.39 5.90 5.19
CA PRO A 479 2.45 5.08 5.91
C PRO A 479 1.56 5.87 6.88
N SER A 480 0.87 6.88 6.34
CA SER A 480 0.06 7.80 7.13
C SER A 480 -1.01 7.12 7.92
N GLN A 481 -1.02 7.39 9.22
CA GLN A 481 -1.95 6.75 10.13
C GLN A 481 -3.17 7.62 10.32
N GLN A 482 -3.07 8.91 9.95
CA GLN A 482 -4.18 9.86 10.19
C GLN A 482 -5.48 9.42 9.51
N ASP A 483 -5.34 8.94 8.26
N ASP A 483 -5.38 8.94 8.27
CA ASP A 483 -6.46 8.54 7.46
CA ASP A 483 -6.56 8.56 7.51
C ASP A 483 -7.13 7.23 7.94
C ASP A 483 -7.17 7.24 7.98
N LEU A 484 -6.44 6.49 8.80
CA LEU A 484 -6.98 5.25 9.33
C LEU A 484 -7.48 5.36 10.80
N PHE A 485 -6.79 6.13 11.62
CA PHE A 485 -7.05 6.06 13.06
C PHE A 485 -7.27 7.39 13.77
N SER A 486 -7.29 8.49 13.05
CA SER A 486 -7.50 9.77 13.73
C SER A 486 -8.92 9.93 14.18
N ALA A 487 -9.13 10.91 15.06
CA ALA A 487 -10.48 11.14 15.59
C ALA A 487 -11.45 11.59 14.48
N ALA A 488 -10.94 12.20 13.41
CA ALA A 488 -11.79 12.65 12.32
C ALA A 488 -11.97 11.64 11.19
N ALA A 489 -11.24 10.53 11.25
CA ALA A 489 -11.21 9.56 10.14
C ALA A 489 -12.47 8.72 10.04
N PRO A 490 -13.15 8.77 8.88
CA PRO A 490 -14.28 7.83 8.69
C PRO A 490 -13.89 6.34 8.68
N TYR A 491 -12.62 6.06 8.40
CA TYR A 491 -12.10 4.69 8.38
C TYR A 491 -11.69 4.18 9.75
N ASN A 492 -11.87 5.00 10.79
CA ASN A 492 -11.62 4.59 12.16
C ASN A 492 -12.86 3.77 12.52
N PHE A 493 -12.90 2.51 12.05
CA PHE A 493 -14.09 1.69 12.04
C PHE A 493 -14.73 1.42 13.38
N GLY A 494 -13.94 1.37 14.46
CA GLY A 494 -14.44 1.16 15.80
C GLY A 494 -14.66 2.45 16.56
N HIS A 495 -14.25 3.58 15.98
CA HIS A 495 -14.63 4.93 16.46
C HIS A 495 -14.02 5.29 17.83
N PHE A 496 -12.77 4.91 18.07
CA PHE A 496 -12.12 5.32 19.31
C PHE A 496 -11.69 6.80 19.18
N ASN A 497 -11.62 7.49 20.32
CA ASN A 497 -11.22 8.89 20.35
C ASN A 497 -10.41 9.07 21.65
N ASP A 498 -9.10 9.25 21.51
CA ASP A 498 -8.17 9.19 22.64
C ASP A 498 -7.17 10.34 22.52
N SER A 499 -7.09 11.16 23.55
CA SER A 499 -6.28 12.38 23.52
C SER A 499 -4.80 12.06 23.33
N GLU A 500 -4.34 10.97 23.94
CA GLU A 500 -2.95 10.60 23.83
C GLU A 500 -2.62 10.12 22.41
N ILE A 501 -3.52 9.36 21.81
CA ILE A 501 -3.30 8.87 20.45
C ILE A 501 -3.35 10.04 19.51
N THR A 502 -4.29 10.97 19.71
CA THR A 502 -4.36 12.18 18.86
C THR A 502 -3.05 12.99 18.90
N LYS A 503 -2.51 13.16 20.10
CA LYS A 503 -1.22 13.82 20.26
C LYS A 503 -0.13 13.06 19.51
N ASP A 504 -0.17 11.74 19.61
CA ASP A 504 0.86 10.90 19.02
C ASP A 504 0.81 11.07 17.49
N LEU A 505 -0.41 11.00 16.94
CA LEU A 505 -0.62 11.20 15.51
C LEU A 505 -0.17 12.57 15.04
N ASN A 506 -0.48 13.60 15.81
CA ASN A 506 -0.07 14.93 15.39
C ASN A 506 1.46 15.06 15.40
N ASP A 507 2.13 14.40 16.36
CA ASP A 507 3.56 14.56 16.50
C ASP A 507 4.25 13.96 15.29
N ILE A 508 3.71 12.84 14.82
CA ILE A 508 4.25 12.16 13.65
C ILE A 508 4.29 13.08 12.44
N ASP A 509 3.31 13.98 12.36
CA ASP A 509 3.20 14.88 11.24
C ASP A 509 3.63 16.31 11.54
N SER A 510 4.32 16.50 12.66
CA SER A 510 4.75 17.84 13.08
C SER A 510 6.06 18.28 12.42
N ALA A 511 6.35 19.58 12.53
CA ALA A 511 7.56 20.15 11.99
C ALA A 511 8.78 19.49 12.62
N LYS A 512 8.69 19.12 13.90
CA LYS A 512 9.80 18.41 14.55
C LYS A 512 10.13 17.08 13.87
N SER A 513 9.12 16.46 13.26
CA SER A 513 9.29 15.18 12.56
C SER A 513 9.92 15.32 11.16
N GLU A 514 10.29 16.53 10.77
CA GLU A 514 11.18 16.71 9.61
C GLU A 514 12.52 16.08 9.88
N ASN A 515 12.86 15.90 11.16
CA ASN A 515 14.06 15.19 11.53
C ASN A 515 13.72 13.71 11.57
N PRO A 516 14.39 12.89 10.74
CA PRO A 516 14.05 11.46 10.67
C PRO A 516 14.12 10.70 12.00
N THR A 517 15.10 11.02 12.85
CA THR A 517 15.24 10.31 14.13
C THR A 517 14.06 10.67 15.04
N TYR A 518 13.68 11.95 15.04
CA TYR A 518 12.50 12.39 15.78
C TYR A 518 11.23 11.69 15.26
N ARG A 519 11.05 11.65 13.94
CA ARG A 519 9.87 11.00 13.38
C ARG A 519 9.79 9.52 13.72
N LYS A 520 10.94 8.83 13.70
CA LYS A 520 10.93 7.40 14.00
C LYS A 520 10.44 7.20 15.44
N ALA A 521 10.98 8.00 16.35
CA ALA A 521 10.59 7.97 17.74
C ALA A 521 9.09 8.22 17.89
N ALA A 522 8.55 9.16 17.12
CA ALA A 522 7.11 9.49 17.19
C ALA A 522 6.29 8.30 16.67
N PHE A 523 6.71 7.68 15.57
CA PHE A 523 6.03 6.46 15.09
C PHE A 523 6.09 5.34 16.07
N VAL A 524 7.24 5.19 16.71
CA VAL A 524 7.42 4.14 17.69
C VAL A 524 6.52 4.33 18.93
N LYS A 525 6.49 5.54 19.48
CA LYS A 525 5.63 5.88 20.63
C LYS A 525 4.17 5.62 20.29
N TYR A 526 3.78 6.10 19.12
CA TYR A 526 2.42 5.87 18.62
C TYR A 526 2.08 4.38 18.58
N GLN A 527 2.98 3.55 18.05
CA GLN A 527 2.71 2.12 17.98
C GLN A 527 2.65 1.44 19.36
N GLU A 528 3.53 1.87 20.25
CA GLU A 528 3.45 1.43 21.65
C GLU A 528 2.12 1.78 22.30
N ASP A 529 1.70 3.04 22.14
CA ASP A 529 0.53 3.53 22.77
C ASP A 529 -0.70 2.79 22.19
N MET A 530 -0.71 2.57 20.89
CA MET A 530 -1.83 1.87 20.28
C MET A 530 -1.90 0.44 20.83
N ASN A 531 -0.77 -0.24 20.98
CA ASN A 531 -0.82 -1.62 21.49
C ASN A 531 -1.32 -1.65 22.93
N LYS A 532 -0.88 -0.69 23.74
CA LYS A 532 -1.30 -0.65 25.16
C LYS A 532 -2.80 -0.36 25.29
N LYS A 533 -3.25 0.71 24.63
N LYS A 533 -3.26 0.69 24.63
CA LYS A 533 -4.67 1.08 24.63
CA LYS A 533 -4.70 1.02 24.66
C LYS A 533 -5.53 -0.03 24.03
C LYS A 533 -5.54 -0.05 24.02
N ALA A 534 -5.03 -0.67 22.98
CA ALA A 534 -5.68 -1.84 22.39
C ALA A 534 -7.09 -1.56 21.86
N TYR A 535 -7.31 -0.37 21.35
CA TYR A 535 -8.52 -0.10 20.55
C TYR A 535 -8.55 -0.95 19.27
N VAL A 536 -7.37 -1.20 18.71
CA VAL A 536 -7.18 -2.13 17.64
C VAL A 536 -5.95 -2.96 18.02
N ILE A 537 -5.85 -4.13 17.41
CA ILE A 537 -4.81 -5.11 17.68
C ILE A 537 -4.19 -5.51 16.32
N PRO A 538 -2.89 -5.28 16.15
CA PRO A 538 -2.23 -5.77 14.92
C PRO A 538 -2.29 -7.28 14.83
N THR A 539 -2.51 -7.77 13.62
CA THR A 539 -2.70 -9.22 13.38
C THR A 539 -1.52 -9.74 12.57
N ASN A 540 -1.46 -9.41 11.29
CA ASN A 540 -0.40 -9.93 10.40
C ASN A 540 0.26 -8.91 9.51
N PHE A 541 1.54 -9.19 9.26
CA PHE A 541 2.28 -8.65 8.13
C PHE A 541 2.25 -9.72 7.08
N MET A 542 2.60 -9.37 5.85
N MET A 542 2.64 -9.37 5.86
CA MET A 542 2.66 -10.38 4.80
CA MET A 542 2.67 -10.34 4.79
C MET A 542 3.90 -10.22 3.93
C MET A 542 3.93 -10.23 3.96
N LEU A 543 4.20 -11.31 3.23
CA LEU A 543 5.29 -11.38 2.27
C LEU A 543 4.62 -11.64 0.92
N ASN A 544 5.17 -11.01 -0.11
CA ASN A 544 4.83 -11.32 -1.50
C ASN A 544 5.89 -12.22 -2.06
N TYR A 545 5.53 -13.11 -2.97
CA TYR A 545 6.51 -13.97 -3.65
C TYR A 545 6.41 -13.80 -5.19
N THR A 546 7.54 -14.06 -5.83
CA THR A 546 7.65 -14.00 -7.29
C THR A 546 8.53 -15.13 -7.80
N PRO A 547 7.96 -16.06 -8.59
CA PRO A 547 8.82 -17.06 -9.23
C PRO A 547 9.64 -16.47 -10.40
N VAL A 548 10.92 -16.85 -10.46
CA VAL A 548 11.86 -16.33 -11.45
C VAL A 548 12.57 -17.50 -12.12
N ASN A 549 12.49 -17.59 -13.44
CA ASN A 549 13.18 -18.64 -14.18
C ASN A 549 14.67 -18.53 -13.89
N LYS A 550 15.28 -19.68 -13.70
CA LYS A 550 16.71 -19.71 -13.37
C LYS A 550 17.63 -19.12 -14.42
N ARG A 551 17.15 -18.88 -15.65
CA ARG A 551 17.98 -18.18 -16.65
C ARG A 551 18.07 -16.66 -16.45
N VAL A 552 17.20 -16.05 -15.63
CA VAL A 552 17.16 -14.59 -15.52
C VAL A 552 18.32 -14.12 -14.66
N VAL A 553 18.95 -13.03 -15.08
CA VAL A 553 20.12 -12.47 -14.42
C VAL A 553 19.78 -11.06 -13.92
N GLY A 554 20.14 -10.76 -12.67
CA GLY A 554 19.94 -9.43 -12.10
C GLY A 554 18.55 -9.12 -11.57
N MET A 555 17.72 -10.14 -11.36
CA MET A 555 16.39 -9.96 -10.79
C MET A 555 16.46 -9.84 -9.27
N THR A 556 15.71 -8.89 -8.74
CA THR A 556 15.62 -8.65 -7.32
C THR A 556 14.30 -7.95 -7.02
N LEU A 557 13.77 -8.23 -5.82
CA LEU A 557 12.60 -7.59 -5.26
C LEU A 557 12.92 -6.39 -4.35
N ASP A 558 14.22 -6.10 -4.19
CA ASP A 558 14.68 -4.99 -3.33
C ASP A 558 13.98 -3.71 -3.77
N TYR A 559 13.25 -3.10 -2.85
CA TYR A 559 12.55 -1.87 -3.16
C TYR A 559 13.50 -0.67 -3.51
N GLY A 560 14.76 -0.81 -3.10
CA GLY A 560 15.78 0.19 -3.39
C GLY A 560 16.48 -0.01 -4.73
N ALA A 561 16.15 -1.11 -5.41
CA ALA A 561 16.72 -1.36 -6.72
C ALA A 561 15.98 -0.51 -7.76
N MET A 562 16.68 0.50 -8.29
CA MET A 562 16.06 1.50 -9.17
C MET A 562 16.26 1.27 -10.66
N ASN A 563 17.15 0.35 -11.01
CA ASN A 563 17.47 0.17 -12.43
C ASN A 563 17.28 -1.27 -12.90
N THR A 564 16.33 -2.00 -12.30
CA THR A 564 16.21 -3.42 -12.59
C THR A 564 15.88 -3.68 -14.06
N TRP A 565 15.04 -2.85 -14.70
CA TRP A 565 14.68 -3.09 -16.12
C TRP A 565 15.86 -2.86 -17.07
N SER A 566 16.82 -2.02 -16.68
CA SER A 566 18.05 -1.88 -17.47
C SER A 566 19.10 -2.96 -17.17
N GLU A 567 19.09 -3.45 -15.93
CA GLU A 567 20.11 -4.40 -15.48
C GLU A 567 19.77 -5.84 -15.79
N ILE A 568 18.48 -6.13 -15.84
CA ILE A 568 18.01 -7.49 -15.98
C ILE A 568 18.40 -8.05 -17.35
N GLY A 569 18.78 -9.32 -17.36
CA GLY A 569 19.17 -10.02 -18.59
C GLY A 569 18.87 -11.49 -18.47
N VAL A 570 19.29 -12.27 -19.48
CA VAL A 570 19.10 -13.71 -19.46
C VAL A 570 20.46 -14.35 -19.70
N SER A 571 20.69 -15.55 -19.15
CA SER A 571 21.99 -16.25 -19.29
C SER A 571 22.08 -17.10 -20.56
N SER A 572 20.92 -17.35 -21.17
CA SER A 572 20.83 -18.03 -22.46
C SER A 572 19.51 -17.61 -23.08
N ALA B 1 -7.14 8.05 0.93
CA ALA B 1 -6.68 8.37 -0.46
C ALA B 1 -5.24 7.94 -0.75
N ALA B 2 -4.56 7.41 0.27
CA ALA B 2 -3.22 6.81 0.12
C ALA B 2 -3.34 5.29 0.24
N ALA B 3 -4.02 4.83 1.29
CA ALA B 3 -4.15 3.41 1.56
C ALA B 3 -5.46 2.88 0.97
N ALA B 4 -5.47 1.59 0.68
CA ALA B 4 -6.62 0.92 0.08
C ALA B 4 -6.92 -0.31 0.89
N ALA B 5 -8.20 -0.65 0.94
CA ALA B 5 -8.62 -1.98 1.40
C ALA B 5 -7.88 -3.03 0.59
N ALA B 6 -7.25 -3.98 1.27
CA ALA B 6 -6.62 -5.12 0.61
C ALA B 6 -5.47 -5.68 1.39
#